data_6TJL
#
_entry.id   6TJL
#
_cell.length_a   61.389
_cell.length_b   47.832
_cell.length_c   67.928
_cell.angle_alpha   90.000
_cell.angle_beta   91.798
_cell.angle_gamma   90.000
#
_symmetry.space_group_name_H-M   'P 1 21 1'
#
loop_
_entity.id
_entity.type
_entity.pdbx_description
1 polymer 'Alr0975 protein'
2 non-polymer 'CALCIUM ION'
3 non-polymer GLUTATHIONE
4 water water
#
_entity_poly.entity_id   1
_entity_poly.type   'polypeptide(L)'
_entity_poly.pdbx_seq_one_letter_code
;QTLTLSPNLIGFNSNEGEKLLLTSRSREDFFPLSMQFVTQVNQAYSGVASIIMVLNSLGINAPETAQYSPYRVFTQDNFF
SNEKTKAVIAPEVVARQGMTLDELGRLIASYGVKVKVNHASDTNIEDFRKQVAENLKQDGNFVIVNYLRKEIGQERGGHI
SPLAAYNEQTDRFLIMDVSRYKYPPVWVKTTDLWKAMNTVDSVSQKTRGFVFVSKTQD
;
_entity_poly.pdbx_strand_id   A,B
#
# COMPACT_ATOMS: atom_id res chain seq x y z
N GLN A 1 4.41 -4.68 14.98
CA GLN A 1 3.41 -5.59 15.53
C GLN A 1 3.25 -6.82 14.64
N THR A 2 4.37 -7.31 14.12
CA THR A 2 4.40 -8.47 13.26
C THR A 2 5.29 -9.54 13.88
N LEU A 3 5.34 -10.70 13.22
CA LEU A 3 6.16 -11.80 13.69
C LEU A 3 7.63 -11.55 13.36
N THR A 4 8.51 -12.17 14.13
CA THR A 4 9.92 -11.97 13.85
C THR A 4 10.36 -12.84 12.68
N LEU A 5 11.28 -12.31 11.90
CA LEU A 5 11.65 -12.96 10.66
C LEU A 5 12.71 -14.01 10.92
N SER A 6 12.66 -15.08 10.13
CA SER A 6 13.74 -16.04 10.13
C SER A 6 15.03 -15.40 9.59
N PRO A 7 16.19 -15.84 10.07
CA PRO A 7 17.44 -15.17 9.64
C PRO A 7 17.69 -15.24 8.16
N ASN A 8 17.09 -16.21 7.46
CA ASN A 8 17.31 -16.31 6.03
C ASN A 8 16.61 -15.21 5.25
N LEU A 9 15.76 -14.42 5.89
CA LEU A 9 14.97 -13.43 5.18
C LEU A 9 15.22 -12.02 5.66
N ILE A 10 15.37 -11.12 4.72
CA ILE A 10 15.63 -9.72 4.97
C ILE A 10 14.34 -8.92 4.78
N GLY A 11 13.76 -8.47 5.89
CA GLY A 11 12.56 -7.67 5.79
C GLY A 11 12.82 -6.34 5.11
N PHE A 12 11.85 -5.91 4.30
CA PHE A 12 11.79 -4.57 3.75
C PHE A 12 11.77 -3.53 4.85
N ASN A 13 11.38 -3.91 6.06
CA ASN A 13 11.31 -3.03 7.21
C ASN A 13 12.64 -2.95 7.93
N SER A 14 13.74 -2.86 7.18
CA SER A 14 15.07 -2.71 7.75
C SER A 14 15.93 -1.86 6.82
N ASN A 15 17.10 -1.46 7.30
CA ASN A 15 18.02 -0.79 6.38
C ASN A 15 18.44 -1.73 5.26
N GLU A 16 18.73 -2.98 5.60
CA GLU A 16 19.19 -3.96 4.62
C GLU A 16 18.15 -4.16 3.51
N GLY A 17 16.87 -4.25 3.88
CA GLY A 17 15.83 -4.47 2.90
C GLY A 17 15.55 -3.26 2.05
N GLU A 18 15.73 -2.06 2.61
CA GLU A 18 15.54 -0.83 1.85
C GLU A 18 16.57 -0.69 0.73
N LYS A 19 17.84 -0.94 1.04
CA LYS A 19 18.83 -0.75 -0.01
C LYS A 19 18.92 -1.93 -0.96
N LEU A 20 18.47 -3.12 -0.55
CA LEU A 20 18.28 -4.18 -1.53
C LEU A 20 17.33 -3.70 -2.62
N LEU A 21 16.37 -2.84 -2.27
CA LEU A 21 15.57 -2.22 -3.32
C LEU A 21 16.37 -1.16 -4.08
N LEU A 22 17.14 -0.34 -3.39
CA LEU A 22 17.78 0.77 -4.10
C LEU A 22 18.89 0.30 -5.02
N THR A 23 19.42 -0.90 -4.80
CA THR A 23 20.53 -1.41 -5.61
C THR A 23 20.07 -2.53 -6.53
N SER A 24 18.78 -2.75 -6.65
CA SER A 24 18.28 -3.73 -7.59
C SER A 24 18.08 -3.03 -8.92
N ARG A 25 18.41 -3.72 -10.01
CA ARG A 25 18.14 -3.19 -11.33
C ARG A 25 16.95 -3.88 -11.99
N SER A 26 16.12 -4.57 -11.18
CA SER A 26 14.91 -5.25 -11.65
C SER A 26 13.81 -4.91 -10.64
N ARG A 27 13.12 -3.80 -10.87
CA ARG A 27 12.26 -3.25 -9.82
C ARG A 27 11.21 -2.31 -10.39
N GLU A 28 11.09 -2.26 -11.72
CA GLU A 28 10.06 -1.40 -12.30
CA GLU A 28 10.06 -1.43 -12.32
C GLU A 28 8.68 -1.74 -11.75
N ASP A 29 8.46 -2.99 -11.31
CA ASP A 29 7.14 -3.40 -10.80
C ASP A 29 6.84 -2.88 -9.39
N PHE A 30 7.88 -2.68 -8.58
CA PHE A 30 7.70 -2.23 -7.20
C PHE A 30 6.87 -0.95 -7.15
N PHE A 31 7.21 0.02 -7.97
CA PHE A 31 6.52 1.31 -7.87
C PHE A 31 5.03 1.16 -8.08
N PRO A 32 4.55 0.57 -9.17
CA PRO A 32 3.10 0.46 -9.32
C PRO A 32 2.46 -0.49 -8.30
N LEU A 33 3.16 -1.53 -7.85
CA LEU A 33 2.54 -2.41 -6.87
C LEU A 33 2.45 -1.72 -5.53
N SER A 34 3.52 -1.01 -5.16
CA SER A 34 3.53 -0.31 -3.89
C SER A 34 2.38 0.66 -3.82
N MET A 35 2.04 1.29 -4.95
CA MET A 35 0.91 2.20 -4.96
C MET A 35 -0.44 1.52 -4.76
N GLN A 36 -0.51 0.22 -4.98
CA GLN A 36 -1.76 -0.52 -4.84
C GLN A 36 -1.74 -1.48 -3.67
N PHE A 37 -0.67 -1.48 -2.86
CA PHE A 37 -0.45 -2.46 -1.79
C PHE A 37 -1.65 -2.44 -0.84
N VAL A 38 -2.23 -3.62 -0.58
CA VAL A 38 -3.40 -3.74 0.30
C VAL A 38 -3.19 -4.83 1.32
N THR A 39 -4.00 -4.79 2.41
CA THR A 39 -4.07 -5.87 3.37
C THR A 39 -5.18 -6.82 2.95
N GLN A 40 -4.89 -8.10 2.87
CA GLN A 40 -5.97 -9.07 2.66
C GLN A 40 -7.03 -8.86 3.73
N VAL A 41 -8.31 -8.91 3.33
CA VAL A 41 -9.39 -8.41 4.18
C VAL A 41 -9.76 -9.43 5.25
N ASN A 42 -9.49 -10.68 4.98
CA ASN A 42 -9.56 -11.76 5.95
C ASN A 42 -8.33 -12.61 5.66
N GLN A 43 -8.07 -13.58 6.52
CA GLN A 43 -6.85 -14.38 6.51
C GLN A 43 -6.87 -15.54 5.50
N ALA A 44 -7.82 -15.55 4.56
CA ALA A 44 -7.79 -16.50 3.47
C ALA A 44 -7.88 -15.79 2.11
N TYR A 45 -7.88 -14.47 2.07
CA TYR A 45 -8.04 -13.74 0.83
CA TYR A 45 -8.04 -13.74 0.83
C TYR A 45 -6.71 -13.27 0.24
N SER A 46 -5.58 -13.89 0.62
CA SER A 46 -4.32 -13.41 0.07
C SER A 46 -4.30 -13.46 -1.45
N GLY A 47 -4.95 -14.48 -2.05
CA GLY A 47 -5.10 -14.51 -3.49
C GLY A 47 -5.88 -13.36 -4.06
N VAL A 48 -6.99 -13.01 -3.42
CA VAL A 48 -7.80 -11.92 -3.92
C VAL A 48 -7.07 -10.58 -3.81
N ALA A 49 -6.42 -10.33 -2.68
CA ALA A 49 -5.66 -9.07 -2.54
C ALA A 49 -4.56 -8.97 -3.55
N SER A 50 -3.87 -10.08 -3.81
CA SER A 50 -2.78 -10.11 -4.79
C SER A 50 -3.28 -9.80 -6.19
N ILE A 51 -4.40 -10.43 -6.61
CA ILE A 51 -4.95 -10.16 -7.93
C ILE A 51 -5.28 -8.69 -8.09
N ILE A 52 -5.99 -8.08 -7.13
CA ILE A 52 -6.43 -6.70 -7.31
C ILE A 52 -5.22 -5.76 -7.32
N MET A 53 -4.17 -6.05 -6.55
CA MET A 53 -2.96 -5.24 -6.69
C MET A 53 -2.49 -5.25 -8.14
N VAL A 54 -2.51 -6.42 -8.77
CA VAL A 54 -2.00 -6.58 -10.13
C VAL A 54 -2.93 -5.97 -11.14
N LEU A 55 -4.24 -6.22 -10.99
CA LEU A 55 -5.21 -5.67 -11.93
C LEU A 55 -5.24 -4.16 -11.84
N ASN A 56 -5.19 -3.63 -10.61
CA ASN A 56 -5.13 -2.19 -10.49
C ASN A 56 -3.85 -1.64 -11.09
N SER A 57 -2.73 -2.33 -10.92
CA SER A 57 -1.48 -1.83 -11.51
C SER A 57 -1.52 -1.88 -13.03
N LEU A 58 -2.18 -2.87 -13.59
CA LEU A 58 -2.27 -3.00 -15.04
C LEU A 58 -3.28 -2.02 -15.64
N GLY A 59 -4.03 -1.27 -14.83
CA GLY A 59 -5.00 -0.37 -15.41
C GLY A 59 -6.05 -1.09 -16.23
N ILE A 60 -6.29 -2.37 -15.91
CA ILE A 60 -7.47 -3.07 -16.36
C ILE A 60 -8.71 -2.29 -15.97
N ASN A 61 -9.64 -2.09 -16.92
CA ASN A 61 -10.88 -1.42 -16.56
C ASN A 61 -11.58 -2.16 -15.41
N ALA A 62 -11.89 -1.44 -14.43
CA ALA A 62 -12.24 -1.89 -13.12
C ALA A 62 -13.74 -1.93 -12.96
N PRO A 63 -14.23 -2.70 -11.97
CA PRO A 63 -15.67 -2.76 -11.77
C PRO A 63 -16.22 -1.37 -11.52
N GLU A 64 -17.49 -1.16 -11.92
CA GLU A 64 -18.21 0.06 -11.60
C GLU A 64 -19.20 -0.22 -10.48
N THR A 65 -18.87 0.23 -9.26
CA THR A 65 -19.71 0.06 -8.07
C THR A 65 -20.06 1.40 -7.42
N ALA A 66 -21.03 1.33 -6.49
CA ALA A 66 -21.43 2.53 -5.76
C ALA A 66 -20.30 3.04 -4.87
N GLN A 67 -19.44 2.14 -4.41
CA GLN A 67 -18.51 2.48 -3.33
C GLN A 67 -17.73 3.73 -3.65
N TYR A 68 -16.99 3.71 -4.76
CA TYR A 68 -16.12 4.80 -5.17
C TYR A 68 -16.61 5.52 -6.42
N SER A 69 -17.74 5.10 -6.98
CA SER A 69 -18.29 5.76 -8.16
C SER A 69 -18.16 7.28 -7.99
N PRO A 70 -17.75 8.03 -8.99
CA PRO A 70 -17.49 7.70 -10.40
C PRO A 70 -16.20 6.93 -10.67
N TYR A 71 -15.32 6.86 -9.68
CA TYR A 71 -14.03 6.24 -9.83
C TYR A 71 -14.20 4.73 -9.85
N ARG A 72 -13.42 4.08 -10.71
CA ARG A 72 -13.48 2.65 -10.95
C ARG A 72 -12.15 2.05 -10.53
N VAL A 73 -12.20 1.05 -9.64
CA VAL A 73 -10.99 0.48 -9.07
C VAL A 73 -11.32 -0.91 -8.55
N PHE A 74 -10.37 -1.83 -8.65
CA PHE A 74 -10.52 -3.14 -8.04
C PHE A 74 -10.36 -3.13 -6.53
N THR A 75 -11.29 -3.79 -5.85
CA THR A 75 -11.22 -3.98 -4.42
C THR A 75 -11.45 -5.47 -4.13
N GLN A 76 -11.09 -5.91 -2.94
CA GLN A 76 -11.40 -7.30 -2.59
C GLN A 76 -12.92 -7.53 -2.52
N ASP A 77 -13.69 -6.50 -2.23
CA ASP A 77 -15.14 -6.68 -2.10
C ASP A 77 -15.85 -6.68 -3.43
N ASN A 78 -15.28 -6.09 -4.48
CA ASN A 78 -15.94 -6.00 -5.78
C ASN A 78 -15.29 -6.86 -6.87
N PHE A 79 -14.13 -7.50 -6.58
CA PHE A 79 -13.55 -8.42 -7.54
C PHE A 79 -14.54 -9.48 -8.04
N PHE A 80 -15.34 -10.06 -7.15
CA PHE A 80 -16.27 -11.13 -7.52
C PHE A 80 -17.58 -10.57 -8.08
N SER A 81 -17.60 -9.28 -8.50
CA SER A 81 -18.80 -8.72 -9.12
C SER A 81 -18.92 -9.21 -10.55
N ASN A 82 -17.87 -9.81 -11.08
CA ASN A 82 -17.82 -10.33 -12.42
C ASN A 82 -18.30 -11.78 -12.37
N GLU A 83 -19.38 -12.08 -13.10
CA GLU A 83 -20.04 -13.38 -12.94
C GLU A 83 -19.15 -14.55 -13.34
N LYS A 84 -18.25 -14.38 -14.32
CA LYS A 84 -17.32 -15.47 -14.62
C LYS A 84 -16.26 -15.64 -13.54
N THR A 85 -15.94 -14.60 -12.79
CA THR A 85 -15.03 -14.77 -11.67
CA THR A 85 -15.02 -14.76 -11.67
C THR A 85 -15.64 -15.67 -10.61
N LYS A 86 -16.90 -15.38 -10.24
CA LYS A 86 -17.58 -16.19 -9.24
C LYS A 86 -17.78 -17.61 -9.73
N ALA A 87 -17.94 -17.81 -11.05
CA ALA A 87 -18.09 -19.15 -11.60
C ALA A 87 -16.88 -20.01 -11.33
N VAL A 88 -15.69 -19.39 -11.31
CA VAL A 88 -14.47 -20.16 -11.06
C VAL A 88 -14.49 -20.72 -9.64
N ILE A 89 -14.80 -19.88 -8.67
CA ILE A 89 -14.87 -20.24 -7.27
C ILE A 89 -15.48 -19.07 -6.51
N ALA A 90 -16.44 -19.37 -5.64
CA ALA A 90 -17.30 -18.37 -5.01
C ALA A 90 -16.53 -17.63 -3.93
N PRO A 91 -16.85 -16.34 -3.72
CA PRO A 91 -16.15 -15.61 -2.65
C PRO A 91 -16.28 -16.26 -1.31
N GLU A 92 -17.43 -16.87 -1.03
CA GLU A 92 -17.62 -17.50 0.27
C GLU A 92 -16.74 -18.74 0.42
N VAL A 93 -16.37 -19.39 -0.69
CA VAL A 93 -15.46 -20.52 -0.61
C VAL A 93 -14.01 -20.04 -0.45
N VAL A 94 -13.61 -19.02 -1.22
CA VAL A 94 -12.27 -18.44 -1.07
C VAL A 94 -12.07 -17.93 0.35
N ALA A 95 -13.09 -17.28 0.91
CA ALA A 95 -13.03 -16.80 2.28
C ALA A 95 -12.79 -17.90 3.29
N ARG A 96 -13.08 -19.15 2.94
CA ARG A 96 -12.72 -20.25 3.84
C ARG A 96 -11.38 -20.86 3.48
N GLN A 97 -11.22 -21.32 2.25
CA GLN A 97 -10.11 -22.21 1.87
C GLN A 97 -9.09 -21.57 0.93
N GLY A 98 -9.22 -20.28 0.66
CA GLY A 98 -8.34 -19.57 -0.25
C GLY A 98 -8.54 -20.10 -1.66
N MET A 99 -7.46 -20.12 -2.44
CA MET A 99 -7.47 -20.43 -3.85
C MET A 99 -6.19 -21.19 -4.16
N THR A 100 -6.28 -22.12 -5.11
CA THR A 100 -5.11 -22.83 -5.58
C THR A 100 -4.48 -22.00 -6.68
N LEU A 101 -3.24 -22.33 -7.02
CA LEU A 101 -2.57 -21.73 -8.18
C LEU A 101 -3.45 -21.75 -9.41
N ASP A 102 -4.02 -22.92 -9.74
CA ASP A 102 -4.84 -23.03 -10.94
C ASP A 102 -6.07 -22.11 -10.86
N GLU A 103 -6.72 -22.08 -9.69
CA GLU A 103 -7.86 -21.18 -9.52
C GLU A 103 -7.40 -19.73 -9.55
N LEU A 104 -6.24 -19.43 -8.99
CA LEU A 104 -5.68 -18.10 -9.14
C LEU A 104 -5.57 -17.70 -10.61
N GLY A 105 -5.00 -18.57 -11.45
CA GLY A 105 -4.89 -18.24 -12.87
C GLY A 105 -6.23 -18.03 -13.55
N ARG A 106 -7.20 -18.89 -13.27
CA ARG A 106 -8.51 -18.76 -13.92
CA ARG A 106 -8.52 -18.76 -13.91
C ARG A 106 -9.25 -17.51 -13.42
N LEU A 107 -9.09 -17.16 -12.16
CA LEU A 107 -9.75 -15.96 -11.64
C LEU A 107 -9.21 -14.69 -12.30
N ILE A 108 -7.92 -14.64 -12.52
CA ILE A 108 -7.36 -13.52 -13.26
C ILE A 108 -7.88 -13.51 -14.70
N ALA A 109 -7.76 -14.64 -15.40
CA ALA A 109 -8.22 -14.76 -16.79
C ALA A 109 -9.68 -14.35 -16.96
N SER A 110 -10.49 -14.56 -15.92
CA SER A 110 -11.90 -14.19 -15.99
C SER A 110 -12.08 -12.70 -16.25
N TYR A 111 -11.04 -11.89 -16.05
CA TYR A 111 -11.14 -10.47 -16.36
C TYR A 111 -10.55 -10.14 -17.72
N GLY A 112 -10.32 -11.15 -18.55
CA GLY A 112 -9.81 -10.93 -19.88
C GLY A 112 -8.35 -10.60 -19.97
N VAL A 113 -7.58 -10.86 -18.91
CA VAL A 113 -6.17 -10.53 -18.84
C VAL A 113 -5.37 -11.77 -19.25
N LYS A 114 -4.14 -11.57 -19.70
CA LYS A 114 -3.32 -12.70 -20.14
C LYS A 114 -2.54 -13.29 -18.97
N VAL A 115 -2.72 -14.58 -18.76
CA VAL A 115 -2.18 -15.25 -17.59
C VAL A 115 -1.37 -16.45 -18.06
N LYS A 116 -0.20 -16.66 -17.46
CA LYS A 116 0.56 -17.90 -17.70
C LYS A 116 0.87 -18.52 -16.34
N VAL A 117 0.27 -19.68 -16.09
CA VAL A 117 0.42 -20.38 -14.83
C VAL A 117 1.60 -21.33 -14.94
N ASN A 118 2.55 -21.24 -14.02
CA ASN A 118 3.69 -22.16 -14.01
C ASN A 118 3.68 -22.95 -12.71
N HIS A 119 3.26 -24.21 -12.78
CA HIS A 119 3.41 -25.11 -11.65
C HIS A 119 4.87 -25.44 -11.51
N ALA A 120 5.36 -25.54 -10.28
CA ALA A 120 6.78 -25.84 -10.08
C ALA A 120 7.18 -27.13 -10.77
N SER A 121 6.28 -28.12 -10.73
CA SER A 121 6.54 -29.42 -11.34
C SER A 121 6.82 -29.31 -12.84
N ASP A 122 6.64 -28.17 -13.46
CA ASP A 122 6.91 -28.18 -14.86
C ASP A 122 7.83 -27.08 -15.28
N THR A 123 8.73 -26.79 -14.38
CA THR A 123 9.71 -25.94 -14.71
C THR A 123 10.77 -26.18 -13.68
N ASN A 124 11.67 -25.23 -13.57
CA ASN A 124 12.82 -25.39 -12.71
C ASN A 124 13.28 -24.03 -12.24
N ILE A 125 14.06 -24.04 -11.15
CA ILE A 125 14.49 -22.81 -10.51
C ILE A 125 15.19 -21.88 -11.51
N GLU A 126 16.03 -22.42 -12.39
CA GLU A 126 16.82 -21.56 -13.25
C GLU A 126 15.95 -20.76 -14.22
N ASP A 127 14.92 -21.38 -14.80
CA ASP A 127 14.06 -20.61 -15.70
C ASP A 127 13.08 -19.75 -14.92
N PHE A 128 12.86 -20.06 -13.65
CA PHE A 128 12.05 -19.20 -12.80
C PHE A 128 12.75 -17.90 -12.48
N ARG A 129 14.01 -18.00 -12.03
CA ARG A 129 14.81 -16.82 -11.78
C ARG A 129 14.91 -15.97 -13.04
N LYS A 130 15.25 -16.60 -14.17
CA LYS A 130 15.45 -15.82 -15.38
C LYS A 130 14.17 -15.12 -15.84
N GLN A 131 13.04 -15.84 -15.90
CA GLN A 131 11.87 -15.22 -16.50
C GLN A 131 11.22 -14.21 -15.57
N VAL A 132 11.17 -14.50 -14.27
CA VAL A 132 10.65 -13.52 -13.33
C VAL A 132 11.55 -12.30 -13.27
N ALA A 133 12.86 -12.51 -13.13
CA ALA A 133 13.79 -11.39 -13.05
C ALA A 133 13.60 -10.46 -14.24
N GLU A 134 13.29 -11.01 -15.41
CA GLU A 134 13.07 -10.17 -16.57
CA GLU A 134 13.06 -10.17 -16.58
C GLU A 134 11.67 -9.56 -16.58
N ASN A 135 10.67 -10.25 -16.05
CA ASN A 135 9.38 -9.58 -15.90
C ASN A 135 9.51 -8.38 -14.95
N LEU A 136 10.26 -8.54 -13.87
CA LEU A 136 10.44 -7.42 -12.94
C LEU A 136 11.17 -6.23 -13.58
N LYS A 137 11.74 -6.38 -14.78
CA LYS A 137 12.30 -5.24 -15.48
C LYS A 137 11.30 -4.52 -16.39
N GLN A 138 10.13 -5.07 -16.65
CA GLN A 138 9.26 -4.51 -17.68
C GLN A 138 7.94 -4.02 -17.12
N ASP A 139 7.51 -2.86 -17.61
CA ASP A 139 6.17 -2.38 -17.34
C ASP A 139 5.15 -3.24 -18.07
N GLY A 140 3.93 -3.23 -17.57
CA GLY A 140 2.85 -3.91 -18.25
C GLY A 140 2.70 -5.38 -17.97
N ASN A 141 3.44 -5.91 -17.02
CA ASN A 141 3.24 -7.31 -16.66
C ASN A 141 3.72 -7.50 -15.24
N PHE A 142 3.26 -8.57 -14.61
CA PHE A 142 3.49 -8.73 -13.18
C PHE A 142 3.64 -10.20 -12.85
N VAL A 143 4.08 -10.48 -11.62
CA VAL A 143 4.33 -11.85 -11.20
C VAL A 143 3.68 -12.07 -9.84
N ILE A 144 2.89 -13.14 -9.72
CA ILE A 144 2.37 -13.55 -8.44
C ILE A 144 2.89 -14.94 -8.13
N VAL A 145 3.23 -15.17 -6.89
CA VAL A 145 3.79 -16.44 -6.47
C VAL A 145 2.82 -17.04 -5.47
N ASN A 146 2.74 -18.37 -5.49
CA ASN A 146 2.00 -19.20 -4.56
C ASN A 146 3.03 -20.12 -3.93
N TYR A 147 3.03 -20.21 -2.60
CA TYR A 147 4.13 -20.86 -1.91
C TYR A 147 3.72 -21.24 -0.49
N LEU A 148 4.41 -22.25 0.02
CA LEU A 148 4.19 -22.72 1.38
C LEU A 148 5.13 -21.95 2.30
N ARG A 149 4.55 -21.21 3.25
CA ARG A 149 5.31 -20.29 4.07
C ARG A 149 6.35 -21.01 4.93
N LYS A 150 6.04 -22.23 5.37
CA LYS A 150 7.02 -22.99 6.15
C LYS A 150 8.37 -23.05 5.41
N GLU A 151 8.36 -23.50 4.16
CA GLU A 151 9.60 -23.71 3.42
C GLU A 151 10.48 -22.47 3.34
N ILE A 152 9.98 -21.29 3.73
CA ILE A 152 10.85 -20.13 3.85
C ILE A 152 11.01 -19.68 5.29
N GLY A 153 10.55 -20.45 6.26
CA GLY A 153 10.70 -20.05 7.64
C GLY A 153 9.66 -19.08 8.17
N GLN A 154 8.46 -19.12 7.62
CA GLN A 154 7.37 -18.28 8.07
C GLN A 154 6.21 -19.18 8.48
N GLU A 155 5.32 -18.60 9.25
CA GLU A 155 4.09 -19.26 9.66
C GLU A 155 3.00 -18.91 8.66
N ARG A 156 2.44 -19.91 7.98
CA ARG A 156 2.95 -21.30 7.94
C ARG A 156 2.50 -22.01 6.67
N GLY A 157 1.24 -21.82 6.31
CA GLY A 157 0.65 -22.55 5.22
C GLY A 157 0.80 -21.90 3.88
N GLY A 158 0.10 -22.45 2.90
CA GLY A 158 0.14 -21.91 1.56
C GLY A 158 -0.36 -20.49 1.53
N HIS A 159 0.34 -19.66 0.75
CA HIS A 159 0.12 -18.23 0.67
C HIS A 159 0.26 -17.79 -0.78
N ILE A 160 -0.20 -16.58 -1.06
CA ILE A 160 -0.10 -15.98 -2.38
C ILE A 160 0.29 -14.53 -2.19
N SER A 161 1.26 -14.06 -2.97
CA SER A 161 1.58 -12.64 -2.92
C SER A 161 2.38 -12.25 -4.17
N PRO A 162 2.27 -10.99 -4.59
CA PRO A 162 2.98 -10.58 -5.81
C PRO A 162 4.44 -10.38 -5.47
N LEU A 163 5.24 -10.31 -6.51
CA LEU A 163 6.66 -10.00 -6.43
C LEU A 163 6.88 -8.62 -7.01
N ALA A 164 7.77 -7.88 -6.37
CA ALA A 164 8.02 -6.46 -6.64
C ALA A 164 9.33 -6.19 -7.35
N ALA A 165 10.34 -7.02 -7.12
CA ALA A 165 11.71 -6.68 -7.46
C ALA A 165 12.61 -7.86 -7.19
N TYR A 166 13.74 -7.88 -7.89
CA TYR A 166 14.72 -8.93 -7.71
C TYR A 166 16.05 -8.22 -7.53
N ASN A 167 16.81 -8.61 -6.52
CA ASN A 167 18.08 -7.98 -6.22
C ASN A 167 19.19 -8.93 -6.69
N GLU A 168 19.89 -8.52 -7.73
CA GLU A 168 20.81 -9.44 -8.38
C GLU A 168 21.98 -9.81 -7.47
N GLN A 169 22.57 -8.84 -6.78
CA GLN A 169 23.73 -9.14 -5.92
CA GLN A 169 23.73 -9.14 -5.93
C GLN A 169 23.43 -10.27 -4.95
N THR A 170 22.25 -10.26 -4.33
CA THR A 170 21.91 -11.26 -3.32
C THR A 170 21.08 -12.40 -3.90
N ASP A 171 20.58 -12.28 -5.11
CA ASP A 171 19.70 -13.31 -5.65
C ASP A 171 18.48 -13.50 -4.75
N ARG A 172 17.87 -12.39 -4.37
CA ARG A 172 16.67 -12.41 -3.53
C ARG A 172 15.49 -11.74 -4.23
N PHE A 173 14.28 -12.26 -4.02
CA PHE A 173 13.05 -11.69 -4.56
C PHE A 173 12.30 -10.96 -3.43
N LEU A 174 11.70 -9.82 -3.76
CA LEU A 174 10.89 -9.11 -2.78
C LEU A 174 9.44 -9.55 -2.90
N ILE A 175 8.93 -10.17 -1.84
CA ILE A 175 7.53 -10.55 -1.77
C ILE A 175 6.75 -9.40 -1.14
N MET A 176 5.79 -8.85 -1.89
CA MET A 176 4.86 -7.84 -1.36
C MET A 176 3.70 -8.54 -0.66
N ASP A 177 3.99 -8.97 0.58
CA ASP A 177 3.13 -9.83 1.38
C ASP A 177 1.86 -9.07 1.75
N VAL A 178 0.75 -9.53 1.23
CA VAL A 178 -0.53 -8.93 1.55
C VAL A 178 -1.03 -9.28 2.94
N SER A 179 -0.34 -10.16 3.67
CA SER A 179 -0.66 -10.34 5.08
C SER A 179 0.03 -9.26 5.92
N ARG A 180 -0.45 -8.02 5.76
CA ARG A 180 0.32 -6.90 6.28
C ARG A 180 0.28 -6.78 7.79
N TYR A 181 -0.72 -7.38 8.44
CA TYR A 181 -0.83 -7.44 9.90
C TYR A 181 0.10 -8.50 10.50
N LYS A 182 0.71 -9.37 9.66
CA LYS A 182 1.49 -10.51 10.14
C LYS A 182 2.97 -10.46 9.78
N TYR A 183 3.29 -10.01 8.58
CA TYR A 183 4.67 -9.90 8.14
C TYR A 183 4.82 -8.64 7.27
N PRO A 184 6.00 -8.06 7.26
CA PRO A 184 6.29 -7.02 6.28
C PRO A 184 6.66 -7.67 4.96
N PRO A 185 6.88 -6.90 3.89
CA PRO A 185 7.52 -7.46 2.70
C PRO A 185 8.89 -8.01 3.06
N VAL A 186 9.30 -9.11 2.39
CA VAL A 186 10.55 -9.84 2.70
C VAL A 186 11.33 -10.11 1.43
N TRP A 187 12.64 -9.99 1.55
CA TRP A 187 13.58 -10.40 0.50
C TRP A 187 13.96 -11.86 0.75
N VAL A 188 13.58 -12.74 -0.16
CA VAL A 188 13.71 -14.17 0.08
C VAL A 188 14.62 -14.76 -0.99
N LYS A 189 15.56 -15.62 -0.57
CA LYS A 189 16.50 -16.22 -1.50
C LYS A 189 15.75 -16.99 -2.58
N THR A 190 16.22 -16.85 -3.81
CA THR A 190 15.58 -17.56 -4.90
C THR A 190 15.45 -19.04 -4.58
N THR A 191 16.50 -19.63 -4.02
CA THR A 191 16.44 -21.04 -3.66
C THR A 191 15.33 -21.30 -2.63
N ASP A 192 15.22 -20.44 -1.62
CA ASP A 192 14.20 -20.59 -0.60
C ASP A 192 12.80 -20.50 -1.23
N LEU A 193 12.58 -19.51 -2.07
CA LEU A 193 11.27 -19.38 -2.69
C LEU A 193 10.97 -20.55 -3.62
N TRP A 194 11.98 -21.11 -4.29
CA TRP A 194 11.73 -22.29 -5.11
C TRP A 194 11.25 -23.46 -4.26
N LYS A 195 12.03 -23.82 -3.25
CA LYS A 195 11.63 -24.82 -2.28
C LYS A 195 10.15 -24.67 -1.91
N ALA A 196 9.75 -23.46 -1.59
CA ALA A 196 8.40 -23.21 -1.10
C ALA A 196 7.35 -23.40 -2.18
N MET A 197 7.65 -23.01 -3.42
CA MET A 197 6.71 -23.23 -4.51
C MET A 197 6.62 -24.71 -4.88
N ASN A 198 7.73 -25.43 -4.72
CA ASN A 198 7.81 -26.82 -5.15
C ASN A 198 7.26 -27.77 -4.10
N THR A 199 6.02 -27.51 -3.70
CA THR A 199 5.33 -28.26 -2.67
C THR A 199 3.93 -28.57 -3.21
N VAL A 200 3.33 -29.62 -2.70
CA VAL A 200 2.04 -30.11 -3.19
C VAL A 200 0.93 -29.54 -2.31
N ASP A 201 0.00 -28.85 -2.95
CA ASP A 201 -1.18 -28.29 -2.30
C ASP A 201 -2.19 -29.42 -2.13
N SER A 202 -2.39 -29.86 -0.89
CA SER A 202 -3.35 -30.94 -0.67
C SER A 202 -4.70 -30.64 -1.31
N VAL A 203 -5.07 -29.35 -1.42
CA VAL A 203 -6.36 -29.02 -2.01
C VAL A 203 -6.38 -29.39 -3.49
N SER A 204 -5.33 -28.99 -4.23
CA SER A 204 -5.24 -29.25 -5.67
C SER A 204 -4.59 -30.58 -6.00
N GLN A 205 -3.84 -31.17 -5.06
CA GLN A 205 -2.93 -32.29 -5.31
CA GLN A 205 -2.95 -32.29 -5.33
C GLN A 205 -1.97 -31.96 -6.45
N LYS A 206 -1.70 -30.66 -6.68
CA LYS A 206 -0.76 -30.22 -7.70
C LYS A 206 0.29 -29.35 -7.02
N THR A 207 1.47 -29.19 -7.64
CA THR A 207 2.46 -28.29 -7.04
C THR A 207 1.96 -26.85 -7.09
N ARG A 208 2.52 -26.02 -6.19
CA ARG A 208 2.37 -24.57 -6.21
C ARG A 208 3.32 -23.97 -7.26
N GLY A 209 3.53 -22.65 -7.26
CA GLY A 209 4.21 -22.05 -8.40
C GLY A 209 3.97 -20.55 -8.51
N PHE A 210 3.92 -20.07 -9.74
CA PHE A 210 3.90 -18.65 -9.96
C PHE A 210 3.15 -18.40 -11.25
N VAL A 211 2.76 -17.15 -11.42
CA VAL A 211 1.84 -16.74 -12.45
C VAL A 211 2.35 -15.45 -13.06
N PHE A 212 2.34 -15.38 -14.38
CA PHE A 212 2.65 -14.16 -15.09
C PHE A 212 1.36 -13.52 -15.58
N VAL A 213 1.26 -12.22 -15.44
CA VAL A 213 0.04 -11.54 -15.83
C VAL A 213 0.39 -10.32 -16.67
N SER A 214 -0.37 -10.10 -17.71
CA SER A 214 -0.15 -8.99 -18.62
C SER A 214 -1.47 -8.66 -19.30
N LYS A 215 -1.51 -7.52 -19.98
CA LYS A 215 -2.67 -7.17 -20.77
C LYS A 215 -2.66 -7.96 -22.09
N THR A 216 -3.86 -8.26 -22.59
CA THR A 216 -3.96 -8.94 -23.89
C THR A 216 -3.69 -7.91 -24.97
N GLN A 217 -2.45 -7.90 -25.48
CA GLN A 217 -2.01 -6.91 -26.47
C GLN A 217 -2.60 -7.21 -27.83
N GLN B 1 -9.25 3.95 -13.82
CA GLN B 1 -9.93 5.24 -13.86
C GLN B 1 -9.26 6.25 -12.92
N THR B 2 -8.06 6.68 -13.29
CA THR B 2 -7.31 7.70 -12.56
C THR B 2 -7.50 9.06 -13.23
N LEU B 3 -7.46 10.11 -12.42
CA LEU B 3 -7.57 11.46 -12.96
C LEU B 3 -6.20 11.94 -13.43
N THR B 4 -6.21 12.87 -14.37
CA THR B 4 -4.97 13.37 -14.94
C THR B 4 -4.42 14.51 -14.09
N LEU B 5 -3.11 14.57 -13.98
CA LEU B 5 -2.43 15.51 -13.13
C LEU B 5 -2.14 16.82 -13.85
N SER B 6 -2.29 17.92 -13.13
CA SER B 6 -1.98 19.23 -13.66
C SER B 6 -0.48 19.35 -13.90
N PRO B 7 -0.07 20.16 -14.87
CA PRO B 7 1.36 20.23 -15.22
C PRO B 7 2.25 20.54 -14.04
N ASN B 8 1.69 21.12 -12.98
CA ASN B 8 2.51 21.52 -11.85
C ASN B 8 2.91 20.37 -10.94
N LEU B 9 2.26 19.21 -11.09
CA LEU B 9 2.50 18.05 -10.25
C LEU B 9 3.24 16.99 -11.03
N ILE B 10 4.11 16.28 -10.32
CA ILE B 10 4.82 15.15 -10.89
C ILE B 10 4.31 13.89 -10.19
N GLY B 11 3.58 13.05 -10.93
CA GLY B 11 3.09 11.82 -10.35
C GLY B 11 4.21 10.87 -9.97
N PHE B 12 4.01 10.13 -8.89
CA PHE B 12 4.83 8.98 -8.57
C PHE B 12 4.65 7.88 -9.59
N ASN B 13 3.61 7.97 -10.42
CA ASN B 13 3.32 6.97 -11.42
C ASN B 13 3.95 7.39 -12.74
N SER B 14 5.24 7.67 -12.69
CA SER B 14 5.98 8.14 -13.86
C SER B 14 7.46 7.94 -13.58
N ASN B 15 8.25 7.94 -14.63
CA ASN B 15 9.68 7.86 -14.41
C ASN B 15 10.16 9.05 -13.58
N GLU B 16 9.71 10.26 -13.93
CA GLU B 16 10.17 11.44 -13.19
C GLU B 16 9.83 11.28 -11.72
N GLY B 17 8.66 10.74 -11.41
CA GLY B 17 8.24 10.58 -10.03
C GLY B 17 9.02 9.54 -9.28
N GLU B 18 9.50 8.51 -9.98
CA GLU B 18 10.34 7.52 -9.33
C GLU B 18 11.74 8.08 -9.08
N LYS B 19 12.28 8.86 -10.03
CA LYS B 19 13.62 9.40 -9.85
C LYS B 19 13.62 10.46 -8.75
N LEU B 20 12.56 11.25 -8.65
CA LEU B 20 12.49 12.17 -7.52
C LEU B 20 12.59 11.46 -6.18
N LEU B 21 12.23 10.17 -6.12
CA LEU B 21 12.37 9.43 -4.87
C LEU B 21 13.76 8.83 -4.73
N LEU B 22 14.32 8.34 -5.84
CA LEU B 22 15.63 7.72 -5.77
C LEU B 22 16.71 8.77 -5.56
N THR B 23 16.50 10.00 -6.04
CA THR B 23 17.48 11.05 -5.80
C THR B 23 17.28 11.75 -4.46
N SER B 24 16.07 11.75 -3.93
CA SER B 24 15.78 12.46 -2.70
C SER B 24 16.67 11.99 -1.55
N ARG B 25 17.08 12.94 -0.71
CA ARG B 25 17.84 12.66 0.50
C ARG B 25 17.01 12.82 1.77
N SER B 26 15.67 12.95 1.65
CA SER B 26 14.76 13.05 2.78
C SER B 26 13.56 12.14 2.53
N ARG B 27 13.71 10.86 2.92
CA ARG B 27 12.76 9.83 2.47
C ARG B 27 12.67 8.65 3.42
N GLU B 28 13.21 8.78 4.62
CA GLU B 28 13.25 7.66 5.55
C GLU B 28 11.84 7.21 5.90
N ASP B 29 10.87 8.11 5.76
CA ASP B 29 9.50 7.73 6.09
C ASP B 29 8.80 6.99 4.95
N PHE B 30 9.31 7.09 3.73
CA PHE B 30 8.57 6.51 2.60
C PHE B 30 8.41 5.00 2.76
N PHE B 31 9.44 4.35 3.25
CA PHE B 31 9.42 2.89 3.24
C PHE B 31 8.36 2.40 4.19
N PRO B 32 8.29 2.86 5.45
CA PRO B 32 7.22 2.38 6.33
C PRO B 32 5.82 2.81 5.88
N LEU B 33 5.65 4.02 5.39
CA LEU B 33 4.33 4.48 4.96
C LEU B 33 3.84 3.70 3.76
N SER B 34 4.74 3.34 2.85
CA SER B 34 4.39 2.55 1.70
C SER B 34 3.95 1.17 2.13
N MET B 35 4.60 0.63 3.15
CA MET B 35 4.19 -0.67 3.69
C MET B 35 2.76 -0.68 4.24
N GLN B 36 2.24 0.47 4.66
CA GLN B 36 0.95 0.61 5.30
C GLN B 36 -0.02 1.34 4.41
N PHE B 37 0.40 1.68 3.19
CA PHE B 37 -0.42 2.46 2.26
C PHE B 37 -1.78 1.82 2.09
N VAL B 38 -2.85 2.63 2.16
CA VAL B 38 -4.24 2.18 2.24
CA VAL B 38 -4.23 2.14 2.16
C VAL B 38 -5.13 3.09 1.41
N THR B 39 -6.24 2.56 0.88
CA THR B 39 -7.27 3.35 0.22
C THR B 39 -8.32 3.77 1.25
N GLN B 40 -8.62 5.07 1.30
CA GLN B 40 -9.75 5.50 2.15
C GLN B 40 -11.01 4.73 1.76
N VAL B 41 -11.72 4.18 2.76
CA VAL B 41 -12.77 3.20 2.45
C VAL B 41 -14.01 3.89 1.90
N ASN B 42 -14.10 5.19 2.08
CA ASN B 42 -15.12 6.01 1.47
C ASN B 42 -14.48 7.38 1.23
N GLN B 43 -15.13 8.17 0.44
CA GLN B 43 -14.56 9.39 -0.08
C GLN B 43 -14.52 10.52 0.94
N ALA B 44 -14.69 10.26 2.24
CA ALA B 44 -14.54 11.28 3.27
C ALA B 44 -13.67 10.81 4.45
N TYR B 45 -13.11 9.63 4.34
CA TYR B 45 -12.27 9.01 5.35
CA TYR B 45 -12.27 9.02 5.36
C TYR B 45 -10.78 9.25 5.09
N SER B 46 -10.42 10.26 4.31
CA SER B 46 -8.99 10.46 4.02
C SER B 46 -8.18 10.67 5.30
N GLY B 47 -8.73 11.39 6.28
CA GLY B 47 -8.05 11.50 7.56
C GLY B 47 -7.93 10.21 8.31
N VAL B 48 -8.94 9.37 8.24
CA VAL B 48 -8.85 8.13 8.98
C VAL B 48 -7.82 7.19 8.36
N ALA B 49 -7.83 7.07 7.04
CA ALA B 49 -6.79 6.31 6.35
C ALA B 49 -5.41 6.84 6.69
N SER B 50 -5.27 8.15 6.73
CA SER B 50 -3.95 8.76 6.97
C SER B 50 -3.46 8.47 8.38
N ILE B 51 -4.33 8.59 9.38
CA ILE B 51 -3.96 8.25 10.74
C ILE B 51 -3.51 6.80 10.82
N ILE B 52 -4.26 5.86 10.24
CA ILE B 52 -3.89 4.49 10.50
C ILE B 52 -2.60 4.17 9.77
N MET B 53 -2.31 4.81 8.63
CA MET B 53 -0.98 4.58 8.03
C MET B 53 0.09 4.94 9.04
N VAL B 54 -0.11 6.05 9.77
CA VAL B 54 0.94 6.58 10.62
C VAL B 54 1.08 5.76 11.89
N LEU B 55 -0.06 5.41 12.49
CA LEU B 55 -0.07 4.63 13.72
C LEU B 55 0.48 3.25 13.46
N ASN B 56 0.10 2.63 12.34
CA ASN B 56 0.68 1.34 12.04
C ASN B 56 2.16 1.48 11.78
N SER B 57 2.57 2.56 11.10
CA SER B 57 4.02 2.76 10.90
C SER B 57 4.76 3.01 12.21
N LEU B 58 4.12 3.64 13.19
CA LEU B 58 4.76 3.86 14.47
C LEU B 58 4.75 2.61 15.32
N GLY B 59 4.02 1.58 14.88
CA GLY B 59 3.98 0.34 15.60
C GLY B 59 3.38 0.49 16.98
N ILE B 60 2.64 1.56 17.23
CA ILE B 60 2.04 1.63 18.54
C ILE B 60 0.92 0.60 18.64
N ASN B 61 0.55 0.28 19.87
CA ASN B 61 -0.29 -0.89 20.13
C ASN B 61 -1.65 -0.70 19.50
N ALA B 62 -2.09 -1.72 18.81
CA ALA B 62 -3.23 -1.60 17.91
C ALA B 62 -4.45 -2.24 18.56
N PRO B 63 -5.63 -1.96 18.01
CA PRO B 63 -6.85 -2.58 18.56
C PRO B 63 -6.85 -4.10 18.43
N GLU B 64 -7.54 -4.74 19.37
CA GLU B 64 -7.73 -6.20 19.39
C GLU B 64 -9.13 -6.53 18.90
N THR B 65 -9.27 -6.93 17.66
CA THR B 65 -10.56 -7.33 17.12
C THR B 65 -10.57 -8.74 16.55
N ALA B 66 -11.80 -9.19 16.28
CA ALA B 66 -12.03 -10.48 15.68
C ALA B 66 -11.41 -10.58 14.30
N GLN B 67 -11.32 -9.46 13.58
CA GLN B 67 -10.95 -9.51 12.17
C GLN B 67 -9.66 -10.28 11.96
N TYR B 68 -8.58 -9.76 12.49
CA TYR B 68 -7.24 -10.31 12.26
C TYR B 68 -6.66 -10.97 13.49
N SER B 69 -7.41 -11.11 14.55
CA SER B 69 -6.89 -11.77 15.74
C SER B 69 -6.25 -13.11 15.34
N PRO B 70 -5.10 -13.49 15.95
CA PRO B 70 -4.44 -12.87 17.11
C PRO B 70 -3.67 -11.60 16.75
N TYR B 71 -3.56 -11.30 15.46
CA TYR B 71 -2.80 -10.16 15.01
C TYR B 71 -3.56 -8.88 15.27
N ARG B 72 -2.82 -7.82 15.55
CA ARG B 72 -3.37 -6.53 15.94
C ARG B 72 -2.85 -5.47 14.98
N VAL B 73 -3.76 -4.73 14.38
CA VAL B 73 -3.40 -3.71 13.39
C VAL B 73 -4.53 -2.68 13.34
N PHE B 74 -4.15 -1.41 13.17
CA PHE B 74 -5.09 -0.35 12.87
C PHE B 74 -5.68 -0.53 11.48
N THR B 75 -7.01 -0.43 11.42
CA THR B 75 -7.75 -0.38 10.17
C THR B 75 -8.72 0.79 10.25
N GLN B 76 -9.20 1.20 9.10
CA GLN B 76 -10.17 2.30 9.13
C GLN B 76 -11.44 1.90 9.88
N ASP B 77 -11.76 0.61 9.91
CA ASP B 77 -12.98 0.20 10.61
C ASP B 77 -12.79 0.15 12.13
N ASN B 78 -11.62 -0.27 12.61
CA ASN B 78 -11.41 -0.48 14.04
C ASN B 78 -10.77 0.71 14.72
N PHE B 79 -10.40 1.75 13.96
CA PHE B 79 -9.85 2.97 14.56
C PHE B 79 -10.78 3.59 15.62
N PHE B 80 -12.06 3.59 15.37
CA PHE B 80 -13.06 4.12 16.31
C PHE B 80 -13.51 3.13 17.41
N SER B 81 -12.81 2.02 17.59
CA SER B 81 -13.13 1.15 18.73
C SER B 81 -12.69 1.78 20.05
N ASN B 82 -11.82 2.78 20.00
CA ASN B 82 -11.31 3.52 21.14
C ASN B 82 -12.38 4.55 21.50
N GLU B 83 -12.94 4.43 22.71
CA GLU B 83 -14.04 5.31 23.09
CA GLU B 83 -14.05 5.31 23.06
C GLU B 83 -13.62 6.78 23.10
N LYS B 84 -12.36 7.06 23.47
CA LYS B 84 -11.92 8.45 23.43
C LYS B 84 -11.85 8.96 22.00
N THR B 85 -11.72 8.05 21.05
CA THR B 85 -11.68 8.48 19.66
C THR B 85 -13.05 8.96 19.20
N LYS B 86 -14.07 8.14 19.41
CA LYS B 86 -15.42 8.55 19.03
C LYS B 86 -15.81 9.83 19.75
N ALA B 87 -15.30 9.99 20.97
CA ALA B 87 -15.62 11.19 21.76
C ALA B 87 -15.24 12.46 21.02
N VAL B 88 -14.04 12.49 20.42
CA VAL B 88 -13.64 13.61 19.57
C VAL B 88 -14.69 13.86 18.50
N ILE B 89 -14.95 12.88 17.64
CA ILE B 89 -15.94 13.00 16.57
C ILE B 89 -16.29 11.61 16.07
N ALA B 90 -17.59 11.38 15.92
CA ALA B 90 -18.08 10.02 15.73
C ALA B 90 -17.76 9.56 14.32
N PRO B 91 -17.60 8.27 14.12
CA PRO B 91 -17.27 7.79 12.76
C PRO B 91 -18.34 8.11 11.75
N GLU B 92 -19.62 8.05 12.13
CA GLU B 92 -20.66 8.36 11.15
C GLU B 92 -20.67 9.83 10.78
N VAL B 93 -20.10 10.69 11.62
CA VAL B 93 -19.94 12.08 11.19
C VAL B 93 -18.75 12.22 10.25
N VAL B 94 -17.63 11.57 10.56
CA VAL B 94 -16.48 11.65 9.65
C VAL B 94 -16.85 11.08 8.28
N ALA B 95 -17.68 10.03 8.28
CA ALA B 95 -18.15 9.41 7.03
C ALA B 95 -18.93 10.38 6.18
N ARG B 96 -19.52 11.42 6.79
CA ARG B 96 -20.18 12.50 6.07
C ARG B 96 -19.23 13.66 5.75
N GLN B 97 -18.70 14.35 6.77
CA GLN B 97 -18.01 15.63 6.58
C GLN B 97 -16.50 15.57 6.80
N GLY B 98 -15.96 14.38 7.03
CA GLY B 98 -14.52 14.27 7.23
C GLY B 98 -14.11 14.83 8.57
N MET B 99 -12.86 15.27 8.64
CA MET B 99 -12.32 15.81 9.88
C MET B 99 -11.51 17.05 9.62
N THR B 100 -11.56 17.98 10.57
CA THR B 100 -10.75 19.19 10.46
C THR B 100 -9.34 18.91 10.94
N LEU B 101 -8.46 19.91 10.75
CA LEU B 101 -7.09 19.80 11.24
C LEU B 101 -7.04 19.58 12.75
N ASP B 102 -7.71 20.42 13.52
CA ASP B 102 -7.69 20.23 14.96
C ASP B 102 -8.27 18.88 15.35
N GLU B 103 -9.31 18.43 14.65
CA GLU B 103 -9.88 17.11 14.99
C GLU B 103 -8.90 15.98 14.62
N LEU B 104 -8.38 15.99 13.42
CA LEU B 104 -7.28 15.09 13.13
C LEU B 104 -6.31 14.96 14.28
N GLY B 105 -5.87 16.10 14.82
CA GLY B 105 -4.88 16.03 15.88
C GLY B 105 -5.41 15.33 17.11
N ARG B 106 -6.62 15.74 17.54
CA ARG B 106 -7.22 15.11 18.72
C ARG B 106 -7.47 13.63 18.48
N LEU B 107 -7.84 13.24 17.27
CA LEU B 107 -8.08 11.84 17.01
C LEU B 107 -6.78 11.04 17.12
N ILE B 108 -5.69 11.59 16.63
CA ILE B 108 -4.40 10.92 16.84
C ILE B 108 -4.08 10.90 18.32
N ALA B 109 -4.30 12.01 19.04
CA ALA B 109 -3.88 12.14 20.43
C ALA B 109 -4.68 11.22 21.35
N SER B 110 -5.90 10.88 20.93
CA SER B 110 -6.70 9.88 21.62
C SER B 110 -5.98 8.55 21.76
N TYR B 111 -5.02 8.23 20.90
CA TYR B 111 -4.30 6.98 21.07
C TYR B 111 -3.00 7.17 21.83
N GLY B 112 -2.85 8.30 22.52
CA GLY B 112 -1.73 8.51 23.39
C GLY B 112 -0.40 8.78 22.71
N VAL B 113 -0.39 9.04 21.42
CA VAL B 113 0.84 9.36 20.74
C VAL B 113 1.01 10.88 20.73
N LYS B 114 2.23 11.33 20.55
CA LYS B 114 2.48 12.75 20.64
C LYS B 114 2.16 13.43 19.31
N VAL B 115 1.40 14.52 19.38
CA VAL B 115 1.02 15.25 18.18
C VAL B 115 1.29 16.73 18.37
N LYS B 116 1.68 17.39 17.26
CA LYS B 116 1.77 18.84 17.15
C LYS B 116 1.03 19.35 15.93
N VAL B 117 -0.06 20.07 16.17
CA VAL B 117 -0.87 20.65 15.11
C VAL B 117 -0.30 22.01 14.73
N ASN B 118 -0.07 22.21 13.43
CA ASN B 118 0.41 23.49 12.88
C ASN B 118 -0.64 24.01 11.93
N HIS B 119 -1.38 25.04 12.35
CA HIS B 119 -2.25 25.73 11.42
C HIS B 119 -1.36 26.61 10.54
N ALA B 120 -1.66 26.65 9.24
CA ALA B 120 -0.88 27.53 8.37
C ALA B 120 -0.76 28.92 8.97
N SER B 121 -1.87 29.39 9.57
CA SER B 121 -1.98 30.73 10.12
C SER B 121 -0.95 31.01 11.21
N ASP B 122 -0.46 29.97 11.88
CA ASP B 122 0.49 30.16 12.96
C ASP B 122 1.93 29.87 12.56
N THR B 123 2.23 29.83 11.26
CA THR B 123 3.59 29.57 10.82
C THR B 123 3.84 30.17 9.45
N ASN B 124 4.85 29.71 8.76
CA ASN B 124 5.22 30.27 7.48
C ASN B 124 5.87 29.16 6.67
N ILE B 125 5.98 29.40 5.36
CA ILE B 125 6.46 28.36 4.46
C ILE B 125 7.90 27.91 4.79
N GLU B 126 8.75 28.77 5.37
CA GLU B 126 10.13 28.31 5.56
C GLU B 126 10.24 27.29 6.68
N ASP B 127 9.58 27.54 7.81
CA ASP B 127 9.66 26.60 8.91
C ASP B 127 8.92 25.31 8.60
N PHE B 128 8.00 25.36 7.63
CA PHE B 128 7.32 24.16 7.16
C PHE B 128 8.23 23.31 6.29
N ARG B 129 8.86 23.93 5.30
CA ARG B 129 9.91 23.26 4.54
C ARG B 129 10.98 22.72 5.48
N LYS B 130 11.64 23.61 6.22
CA LYS B 130 12.67 23.20 7.16
C LYS B 130 12.20 22.06 8.07
N GLN B 131 11.11 22.27 8.82
CA GLN B 131 10.72 21.25 9.80
C GLN B 131 10.27 19.96 9.14
N VAL B 132 9.41 20.05 8.12
CA VAL B 132 8.92 18.83 7.47
C VAL B 132 10.10 18.06 6.87
N ALA B 133 10.94 18.76 6.10
CA ALA B 133 12.09 18.09 5.51
C ALA B 133 12.90 17.39 6.57
N GLU B 134 13.09 18.03 7.73
CA GLU B 134 13.83 17.38 8.80
C GLU B 134 13.14 16.10 9.26
N ASN B 135 11.84 16.17 9.51
CA ASN B 135 11.10 14.97 9.91
CA ASN B 135 11.12 14.97 9.93
C ASN B 135 11.28 13.86 8.90
N LEU B 136 11.23 14.18 7.61
CA LEU B 136 11.31 13.12 6.61
C LEU B 136 12.68 12.43 6.60
N LYS B 137 13.69 12.97 7.30
CA LYS B 137 14.95 12.27 7.46
C LYS B 137 14.96 11.29 8.64
N GLN B 138 13.93 11.27 9.48
CA GLN B 138 14.01 10.56 10.75
C GLN B 138 12.94 9.49 10.88
N ASP B 139 13.32 8.41 11.56
CA ASP B 139 12.37 7.39 11.94
C ASP B 139 11.63 7.80 13.21
N GLY B 140 10.48 7.19 13.41
CA GLY B 140 9.79 7.37 14.66
C GLY B 140 8.94 8.60 14.75
N ASN B 141 8.77 9.32 13.64
CA ASN B 141 7.83 10.43 13.57
C ASN B 141 7.33 10.54 12.14
N PHE B 142 6.21 11.23 11.97
CA PHE B 142 5.61 11.31 10.63
C PHE B 142 4.93 12.65 10.51
N VAL B 143 4.55 12.97 9.28
CA VAL B 143 3.88 14.21 8.94
C VAL B 143 2.60 13.87 8.18
N ILE B 144 1.49 14.47 8.60
CA ILE B 144 0.26 14.47 7.83
C ILE B 144 -0.09 15.91 7.45
N VAL B 145 -0.58 16.09 6.24
CA VAL B 145 -1.00 17.40 5.78
C VAL B 145 -2.48 17.41 5.44
N ASN B 146 -3.06 18.60 5.60
CA ASN B 146 -4.48 18.87 5.37
C ASN B 146 -4.52 20.10 4.47
N TYR B 147 -5.05 19.92 3.26
CA TYR B 147 -4.87 20.93 2.22
C TYR B 147 -6.05 20.89 1.26
N LEU B 148 -6.27 22.03 0.60
CA LEU B 148 -7.31 22.19 -0.39
C LEU B 148 -6.76 21.74 -1.73
N ARG B 149 -7.34 20.67 -2.31
CA ARG B 149 -6.78 20.09 -3.53
C ARG B 149 -6.75 21.13 -4.64
N LYS B 150 -7.79 21.95 -4.75
CA LYS B 150 -7.90 22.91 -5.84
C LYS B 150 -6.65 23.77 -5.98
N GLU B 151 -5.96 24.05 -4.88
CA GLU B 151 -4.83 24.97 -4.87
C GLU B 151 -3.54 24.34 -5.30
N ILE B 152 -3.49 23.02 -5.48
CA ILE B 152 -2.37 22.39 -6.17
C ILE B 152 -2.78 21.84 -7.51
N GLY B 153 -4.01 22.13 -7.97
CA GLY B 153 -4.41 21.68 -9.30
C GLY B 153 -5.04 20.30 -9.38
N GLN B 154 -5.84 20.00 -8.36
CA GLN B 154 -6.57 18.74 -8.26
C GLN B 154 -7.98 19.05 -7.80
N GLU B 155 -8.88 18.11 -8.06
CA GLU B 155 -10.26 18.19 -7.64
C GLU B 155 -10.39 17.46 -6.29
N ARG B 156 -10.80 18.18 -5.25
CA ARG B 156 -11.03 19.63 -5.25
C ARG B 156 -10.95 20.18 -3.82
N GLY B 157 -11.83 19.70 -2.96
CA GLY B 157 -11.94 20.24 -1.63
C GLY B 157 -10.79 19.80 -0.75
N GLY B 158 -11.04 20.02 0.60
CA GLY B 158 -10.06 19.71 1.58
C GLY B 158 -9.78 18.22 1.63
N HIS B 159 -8.51 17.88 1.77
CA HIS B 159 -8.00 16.54 1.82
C HIS B 159 -7.02 16.41 2.97
N ILE B 160 -6.77 15.18 3.36
CA ILE B 160 -5.71 14.85 4.32
C ILE B 160 -4.88 13.73 3.69
N SER B 161 -3.55 13.82 3.82
CA SER B 161 -2.74 12.68 3.43
C SER B 161 -1.34 12.83 4.03
N PRO B 162 -0.68 11.72 4.32
CA PRO B 162 0.67 11.81 4.92
C PRO B 162 1.65 12.17 3.83
N LEU B 163 2.80 12.69 4.27
CA LEU B 163 3.94 12.93 3.38
C LEU B 163 4.98 11.85 3.66
N ALA B 164 5.68 11.48 2.59
CA ALA B 164 6.64 10.37 2.62
C ALA B 164 8.06 10.80 2.37
N ALA B 165 8.28 11.89 1.62
CA ALA B 165 9.65 12.28 1.24
C ALA B 165 9.69 13.68 0.64
N TYR B 166 10.86 14.30 0.67
CA TYR B 166 11.07 15.62 0.12
C TYR B 166 12.19 15.53 -0.90
N ASN B 167 12.01 16.15 -2.08
CA ASN B 167 13.07 16.21 -3.08
C ASN B 167 13.74 17.58 -3.01
N GLU B 168 15.00 17.61 -2.61
CA GLU B 168 15.70 18.88 -2.40
C GLU B 168 15.95 19.62 -3.72
N GLN B 169 16.21 18.90 -4.81
CA GLN B 169 16.50 19.58 -6.07
C GLN B 169 15.26 20.29 -6.62
N THR B 170 14.07 19.68 -6.51
CA THR B 170 12.87 20.26 -7.10
C THR B 170 12.04 21.06 -6.10
N ASP B 171 12.35 21.00 -4.81
CA ASP B 171 11.53 21.59 -3.77
C ASP B 171 10.08 21.07 -3.87
N ARG B 172 9.94 19.75 -3.79
CA ARG B 172 8.63 19.12 -3.86
C ARG B 172 8.48 18.08 -2.75
N PHE B 173 7.27 17.96 -2.23
CA PHE B 173 6.96 16.93 -1.24
C PHE B 173 6.15 15.83 -1.93
N LEU B 174 6.36 14.61 -1.49
CA LEU B 174 5.60 13.46 -2.00
C LEU B 174 4.42 13.25 -1.07
N ILE B 175 3.20 13.33 -1.61
CA ILE B 175 1.98 13.13 -0.85
C ILE B 175 1.52 11.70 -1.16
N MET B 176 1.42 10.86 -0.11
CA MET B 176 0.93 9.47 -0.23
C MET B 176 -0.59 9.56 -0.16
N ASP B 177 -1.18 9.97 -1.31
CA ASP B 177 -2.60 10.23 -1.46
C ASP B 177 -3.44 8.97 -1.23
N VAL B 178 -4.22 8.99 -0.16
CA VAL B 178 -5.06 7.84 0.15
C VAL B 178 -6.30 7.74 -0.71
N SER B 179 -6.60 8.72 -1.56
CA SER B 179 -7.68 8.52 -2.52
C SER B 179 -7.09 7.79 -3.72
N ARG B 180 -6.70 6.52 -3.51
CA ARG B 180 -5.94 5.75 -4.52
C ARG B 180 -6.73 5.44 -5.79
N TYR B 181 -8.06 5.43 -5.69
CA TYR B 181 -8.92 5.25 -6.86
C TYR B 181 -9.00 6.51 -7.72
N LYS B 182 -8.38 7.61 -7.28
CA LYS B 182 -8.63 8.92 -7.86
C LYS B 182 -7.38 9.61 -8.32
N TYR B 183 -6.31 9.50 -7.55
CA TYR B 183 -5.04 10.16 -7.87
C TYR B 183 -3.96 9.25 -7.39
N PRO B 184 -2.80 9.22 -8.10
CA PRO B 184 -1.65 8.56 -7.54
C PRO B 184 -0.96 9.46 -6.55
N PRO B 185 0.02 8.97 -5.81
CA PRO B 185 0.88 9.86 -5.08
C PRO B 185 1.51 10.86 -6.04
N VAL B 186 1.65 12.12 -5.58
CA VAL B 186 2.12 13.23 -6.40
C VAL B 186 3.26 13.95 -5.70
N TRP B 187 4.20 14.46 -6.49
CA TRP B 187 5.22 15.38 -6.00
C TRP B 187 4.77 16.81 -6.25
N VAL B 188 4.61 17.58 -5.19
CA VAL B 188 3.93 18.87 -5.26
C VAL B 188 4.93 19.91 -4.79
N LYS B 189 5.02 21.03 -5.47
CA LYS B 189 5.98 22.04 -5.07
C LYS B 189 5.55 22.66 -3.76
N THR B 190 6.51 22.80 -2.82
CA THR B 190 6.23 23.45 -1.54
C THR B 190 5.35 24.69 -1.71
N THR B 191 5.68 25.49 -2.72
CA THR B 191 4.88 26.67 -3.07
C THR B 191 3.41 26.28 -3.16
N ASP B 192 3.09 25.24 -3.93
CA ASP B 192 1.68 24.88 -4.14
C ASP B 192 1.06 24.31 -2.87
N LEU B 193 1.78 23.44 -2.17
CA LEU B 193 1.23 22.82 -0.96
C LEU B 193 0.98 23.88 0.11
N TRP B 194 1.88 24.88 0.20
CA TRP B 194 1.69 25.93 1.20
C TRP B 194 0.41 26.70 0.93
N LYS B 195 0.28 27.28 -0.27
CA LYS B 195 -0.96 27.89 -0.74
C LYS B 195 -2.16 27.05 -0.31
N ALA B 196 -1.97 25.73 -0.40
CA ALA B 196 -3.07 24.79 -0.22
C ALA B 196 -3.44 24.63 1.24
N MET B 197 -2.45 24.62 2.14
CA MET B 197 -2.77 24.55 3.56
C MET B 197 -3.20 25.90 4.11
N ASN B 198 -2.75 26.98 3.44
CA ASN B 198 -3.02 28.35 3.85
C ASN B 198 -4.38 28.76 3.35
N THR B 199 -5.39 27.96 3.69
CA THR B 199 -6.77 28.13 3.26
C THR B 199 -7.63 27.89 4.50
N VAL B 200 -8.80 28.53 4.54
CA VAL B 200 -9.67 28.47 5.70
C VAL B 200 -10.77 27.43 5.45
N ASP B 201 -10.79 26.46 6.32
CA ASP B 201 -11.79 25.42 6.33
C ASP B 201 -13.07 25.98 6.96
N SER B 202 -14.09 26.15 6.10
CA SER B 202 -15.38 26.66 6.54
C SER B 202 -15.88 25.90 7.76
N VAL B 203 -15.60 24.61 7.82
CA VAL B 203 -16.10 23.81 8.94
C VAL B 203 -15.50 24.31 10.25
N SER B 204 -14.20 24.54 10.25
CA SER B 204 -13.50 25.01 11.45
C SER B 204 -13.40 26.54 11.53
N GLN B 205 -13.55 27.22 10.39
CA GLN B 205 -13.25 28.65 10.31
C GLN B 205 -11.81 28.90 10.74
N LYS B 206 -10.94 27.90 10.50
CA LYS B 206 -9.51 28.03 10.80
C LYS B 206 -8.76 27.53 9.57
N THR B 207 -7.49 27.96 9.46
CA THR B 207 -6.68 27.51 8.34
C THR B 207 -6.43 26.02 8.44
N ARG B 208 -6.18 25.41 7.28
CA ARG B 208 -5.64 24.05 7.18
C ARG B 208 -4.19 24.08 7.62
N GLY B 209 -3.41 23.04 7.34
CA GLY B 209 -2.11 22.96 8.00
C GLY B 209 -1.55 21.55 8.00
N PHE B 210 -0.73 21.26 9.00
CA PHE B 210 -0.02 20.00 8.98
C PHE B 210 0.26 19.61 10.42
N VAL B 211 0.42 18.32 10.66
CA VAL B 211 0.58 17.76 11.99
C VAL B 211 1.80 16.85 12.03
N PHE B 212 2.65 17.01 13.04
CA PHE B 212 3.72 16.06 13.34
C PHE B 212 3.22 15.03 14.34
N VAL B 213 3.56 13.76 14.09
CA VAL B 213 3.18 12.63 14.93
C VAL B 213 4.40 11.83 15.34
N SER B 214 4.45 11.39 16.59
CA SER B 214 5.60 10.66 17.09
C SER B 214 5.13 9.88 18.30
N LYS B 215 6.01 9.05 18.87
CA LYS B 215 5.67 8.39 20.12
C LYS B 215 6.21 9.16 21.32
N THR B 216 5.52 9.03 22.44
CA THR B 216 5.79 9.83 23.62
C THR B 216 7.09 9.45 24.32
N GLN B 217 7.59 8.23 24.12
CA GLN B 217 8.92 7.84 24.62
C GLN B 217 9.23 6.38 24.25
#